data_7K96
#
_entry.id   7K96
#
_cell.length_a   50.800
_cell.length_b   80.400
_cell.length_c   55.500
_cell.angle_alpha   90.000
_cell.angle_beta   107.900
_cell.angle_gamma   90.000
#
_symmetry.space_group_name_H-M   'P 1 21 1'
#
loop_
_entity.id
_entity.type
_entity.pdbx_description
1 polymer "DNA (5'-D(*CP*CP*GP*AP*CP*CP*GP*CP*GP*CP*AP*TP*CP*AP*GP*C)-3')"
2 polymer "DNA (5'-D(*GP*CP*TP*GP*AP*TP*GP*CP*GP*C)-3')"
3 polymer "DNA (5'-D(P*GP*TP*CP*GP*G)-3')"
4 polymer 'DNA polymerase beta'
5 non-polymer 'CHLORIDE ION'
6 non-polymer 'SODIUM ION'
7 non-polymer 1,2-ETHANEDIOL
8 non-polymer 'CALCIUM ION'
9 non-polymer "2'-DEOXYGUANOSINE-5'-DIPHOSPHATE"
10 water water
#
loop_
_entity_poly.entity_id
_entity_poly.type
_entity_poly.pdbx_seq_one_letter_code
_entity_poly.pdbx_strand_id
1 'polydeoxyribonucleotide' (DC)(DC)(DG)(DA)(DC)(DC)(DG)(DC)(DG)(DC)(DA)(DT)(DC)(DA)(DG)(DC) T
2 'polydeoxyribonucleotide' (DG)(DC)(DT)(DG)(DA)(DT)(DG)(DC)(DG)(DC) P
3 'polydeoxyribonucleotide' (DG)(DT)(DC)(DG)(DG) D
4 'polypeptide(L)'
;MSKRKAPQETLNGGITDMLTELANFEKNVSQAIHKYNAYRKAASVIAKYPHKIKSGAEAKKLPGVGTKIAEKIDEFLATG
KLRKLEKIRQDDTSSSINFLTRVSGIGPSAARKFVDEGIKTLEDLRKNEDKLNHHQRIGLKYFGDFEKRIPREEMLQMQD
IVLNEVKKVDSEYIATVCGSFRRGAESSGDMDVLLTHPSFTSESTKQPKLLHQVVEQLQKVHFITDTLSKGETKFMGVCQ
LPSKNDEKEYPHRRIDIRLIPKDQYYCGVLYFTGSDIFNKNMRAHALEKGFTINEYTIRPLGVTGVAGEPLPVDSEKDIF
DYIQWKYREPKDRSE
;
A
#
loop_
_chem_comp.id
_chem_comp.type
_chem_comp.name
_chem_comp.formula
CA non-polymer 'CALCIUM ION' 'Ca 2'
CL non-polymer 'CHLORIDE ION' 'Cl -1'
DA DNA linking 2'-DEOXYADENOSINE-5'-MONOPHOSPHATE 'C10 H14 N5 O6 P'
DC DNA linking 2'-DEOXYCYTIDINE-5'-MONOPHOSPHATE 'C9 H14 N3 O7 P'
DG DNA linking 2'-DEOXYGUANOSINE-5'-MONOPHOSPHATE 'C10 H14 N5 O7 P'
DGI DNA linking 2'-DEOXYGUANOSINE-5'-DIPHOSPHATE 'C10 H15 N5 O10 P2'
DT DNA linking THYMIDINE-5'-MONOPHOSPHATE 'C10 H15 N2 O8 P'
EDO non-polymer 1,2-ETHANEDIOL 'C2 H6 O2'
NA non-polymer 'SODIUM ION' 'Na 1'
#
# COMPACT_ATOMS: atom_id res chain seq x y z
N THR D 10 -15.34 -10.95 -7.99
CA THR D 10 -16.52 -11.62 -7.46
C THR D 10 -16.78 -12.95 -8.14
N LEU D 11 -15.89 -13.33 -9.08
CA LEU D 11 -16.04 -14.63 -9.75
C LEU D 11 -15.88 -15.78 -8.77
N ASN D 12 -14.72 -15.86 -8.11
CA ASN D 12 -14.47 -16.80 -7.02
C ASN D 12 -14.39 -16.04 -5.70
N GLY D 13 -15.38 -15.17 -5.43
CA GLY D 13 -15.28 -14.27 -4.29
C GLY D 13 -15.25 -14.97 -2.94
N GLY D 14 -15.93 -16.11 -2.81
CA GLY D 14 -15.92 -16.83 -1.54
C GLY D 14 -14.53 -17.29 -1.15
N ILE D 15 -13.84 -17.97 -2.06
CA ILE D 15 -12.53 -18.53 -1.78
C ILE D 15 -11.52 -17.42 -1.46
N THR D 16 -11.44 -16.38 -2.30
CA THR D 16 -10.42 -15.35 -2.10
C THR D 16 -10.68 -14.53 -0.84
N ASP D 17 -11.95 -14.28 -0.49
CA ASP D 17 -12.23 -13.73 0.82
C ASP D 17 -11.71 -14.65 1.93
N MET D 18 -11.98 -15.96 1.82
CA MET D 18 -11.54 -16.91 2.84
C MET D 18 -10.03 -16.85 3.04
N LEU D 19 -9.27 -16.81 1.95
CA LEU D 19 -7.83 -16.85 2.07
C LEU D 19 -7.26 -15.51 2.53
N THR D 20 -7.89 -14.40 2.13
CA THR D 20 -7.48 -13.09 2.65
C THR D 20 -7.66 -13.03 4.18
N GLU D 21 -8.72 -13.65 4.69
CA GLU D 21 -8.92 -13.66 6.14
C GLU D 21 -7.86 -14.50 6.85
N LEU D 22 -7.53 -15.68 6.30
CA LEU D 22 -6.44 -16.48 6.86
C LEU D 22 -5.10 -15.75 6.75
N ALA D 23 -4.88 -14.99 5.66
CA ALA D 23 -3.65 -14.24 5.50
C ALA D 23 -3.46 -13.24 6.63
N ASN D 24 -4.53 -12.51 6.97
CA ASN D 24 -4.42 -11.52 8.04
C ASN D 24 -4.14 -12.17 9.39
N PHE D 25 -4.78 -13.31 9.69
CA PHE D 25 -4.52 -14.01 10.95
C PHE D 25 -3.06 -14.41 11.09
N GLU D 26 -2.45 -14.93 10.03
CA GLU D 26 -1.03 -15.31 10.15
C GLU D 26 -0.14 -14.09 10.32
N LYS D 27 -0.43 -12.98 9.64
CA LYS D 27 0.38 -11.78 9.77
C LYS D 27 0.25 -11.18 11.16
N ASN D 28 -0.99 -10.95 11.60
CA ASN D 28 -1.22 -10.16 12.79
C ASN D 28 -1.11 -10.99 14.07
N VAL D 29 -1.50 -12.27 14.04
CA VAL D 29 -1.57 -13.08 15.26
C VAL D 29 -0.37 -14.00 15.38
N SER D 30 -0.15 -14.85 14.38
CA SER D 30 1.00 -15.78 14.42
C SER D 30 2.33 -15.09 14.12
N GLN D 31 2.32 -13.87 13.61
CA GLN D 31 3.54 -13.16 13.24
C GLN D 31 4.37 -14.00 12.28
N ALA D 32 3.71 -14.63 11.32
CA ALA D 32 4.36 -15.44 10.28
C ALA D 32 4.19 -14.72 8.95
N ILE D 33 5.14 -13.82 8.63
CA ILE D 33 4.93 -12.97 7.45
C ILE D 33 4.97 -13.80 6.18
N HIS D 34 5.71 -14.90 6.16
CA HIS D 34 5.76 -15.72 4.95
C HIS D 34 4.52 -16.58 4.78
N LYS D 35 3.86 -16.97 5.89
CA LYS D 35 2.54 -17.57 5.75
C LYS D 35 1.54 -16.54 5.27
N TYR D 36 1.67 -15.28 5.73
CA TYR D 36 0.82 -14.21 5.19
C TYR D 36 1.02 -14.09 3.68
N ASN D 37 2.27 -13.97 3.24
CA ASN D 37 2.52 -13.80 1.80
C ASN D 37 2.08 -15.03 0.99
N ALA D 38 2.19 -16.23 1.57
CA ALA D 38 1.71 -17.42 0.86
C ALA D 38 0.19 -17.37 0.64
N TYR D 39 -0.58 -16.88 1.63
CA TYR D 39 -2.02 -16.83 1.45
C TYR D 39 -2.43 -15.73 0.46
N ARG D 40 -1.74 -14.58 0.46
CA ARG D 40 -2.05 -13.55 -0.53
C ARG D 40 -1.76 -14.04 -1.95
N LYS D 41 -0.66 -14.77 -2.14
CA LYS D 41 -0.32 -15.34 -3.47
C LYS D 41 -1.44 -16.28 -3.91
N ALA D 42 -1.87 -17.18 -3.03
CA ALA D 42 -2.92 -18.12 -3.42
C ALA D 42 -4.23 -17.41 -3.74
N ALA D 43 -4.60 -16.40 -2.95
CA ALA D 43 -5.83 -15.67 -3.24
C ALA D 43 -5.72 -14.86 -4.53
N SER D 44 -4.53 -14.35 -4.86
CA SER D 44 -4.38 -13.52 -6.05
C SER D 44 -4.35 -14.36 -7.34
N VAL D 45 -3.86 -15.60 -7.29
CA VAL D 45 -3.90 -16.42 -8.50
C VAL D 45 -5.30 -16.94 -8.75
N ILE D 46 -6.05 -17.24 -7.69
CA ILE D 46 -7.45 -17.64 -7.84
C ILE D 46 -8.27 -16.49 -8.40
N ALA D 47 -7.94 -15.25 -8.00
CA ALA D 47 -8.66 -14.08 -8.50
C ALA D 47 -8.44 -13.86 -9.99
N LYS D 48 -7.27 -14.17 -10.52
CA LYS D 48 -7.05 -14.06 -11.97
C LYS D 48 -7.56 -15.26 -12.76
N TYR D 49 -7.95 -16.34 -12.09
CA TYR D 49 -8.38 -17.55 -12.78
C TYR D 49 -9.78 -17.32 -13.38
N PRO D 50 -9.96 -17.53 -14.68
CA PRO D 50 -11.21 -17.09 -15.32
C PRO D 50 -12.39 -18.05 -15.25
N HIS D 51 -12.40 -19.03 -14.33
CA HIS D 51 -13.50 -19.97 -14.17
C HIS D 51 -14.00 -19.99 -12.74
N LYS D 52 -15.22 -20.50 -12.55
CA LYS D 52 -15.74 -20.79 -11.22
C LYS D 52 -15.16 -22.12 -10.75
N ILE D 53 -14.41 -22.07 -9.63
CA ILE D 53 -13.69 -23.24 -9.12
C ILE D 53 -14.66 -24.29 -8.58
N LYS D 54 -14.37 -25.58 -8.86
CA LYS D 54 -15.25 -26.69 -8.53
C LYS D 54 -14.69 -27.71 -7.53
N SER D 55 -13.42 -27.65 -7.14
CA SER D 55 -12.86 -28.64 -6.23
C SER D 55 -11.48 -28.18 -5.76
N GLY D 56 -11.06 -28.75 -4.62
CA GLY D 56 -9.70 -28.48 -4.15
C GLY D 56 -8.63 -29.00 -5.09
N ALA D 57 -8.87 -30.16 -5.71
CA ALA D 57 -7.90 -30.71 -6.66
C ALA D 57 -7.78 -29.84 -7.91
N GLU D 58 -8.85 -29.13 -8.30
CA GLU D 58 -8.73 -28.19 -9.42
C GLU D 58 -7.84 -27.00 -9.05
N ALA D 59 -8.09 -26.41 -7.87
CA ALA D 59 -7.31 -25.25 -7.46
C ALA D 59 -5.85 -25.60 -7.23
N LYS D 60 -5.57 -26.85 -6.81
CA LYS D 60 -4.20 -27.24 -6.52
C LYS D 60 -3.32 -27.16 -7.76
N LYS D 61 -3.90 -27.22 -8.96
CA LYS D 61 -3.11 -27.13 -10.17
C LYS D 61 -2.49 -25.74 -10.34
N LEU D 62 -3.07 -24.70 -9.71
CA LEU D 62 -2.50 -23.36 -9.81
C LEU D 62 -1.28 -23.20 -8.90
N PRO D 63 -0.34 -22.34 -9.29
CA PRO D 63 0.90 -22.15 -8.51
C PRO D 63 0.65 -21.32 -7.25
N GLY D 64 1.07 -21.87 -6.11
CA GLY D 64 0.80 -21.26 -4.82
C GLY D 64 -0.33 -21.89 -4.03
N VAL D 65 -1.07 -22.82 -4.62
CA VAL D 65 -2.05 -23.64 -3.92
C VAL D 65 -1.43 -25.01 -3.70
N GLY D 66 -1.24 -25.40 -2.44
CA GLY D 66 -0.70 -26.69 -2.09
C GLY D 66 -1.74 -27.63 -1.50
N THR D 67 -1.24 -28.65 -0.80
CA THR D 67 -2.14 -29.69 -0.28
C THR D 67 -3.08 -29.11 0.76
N LYS D 68 -2.58 -28.25 1.65
CA LYS D 68 -3.42 -27.78 2.77
C LYS D 68 -4.51 -26.83 2.30
N ILE D 69 -4.19 -25.89 1.39
CA ILE D 69 -5.19 -24.94 0.87
C ILE D 69 -6.24 -25.64 0.01
N ALA D 70 -5.84 -26.70 -0.72
CA ALA D 70 -6.82 -27.46 -1.49
C ALA D 70 -7.80 -28.18 -0.57
N GLU D 71 -7.33 -28.64 0.60
CA GLU D 71 -8.23 -29.29 1.54
C GLU D 71 -9.21 -28.29 2.13
N LYS D 72 -8.78 -27.05 2.34
CA LYS D 72 -9.68 -26.00 2.81
C LYS D 72 -10.69 -25.61 1.74
N ILE D 73 -10.31 -25.61 0.47
CA ILE D 73 -11.29 -25.27 -0.55
C ILE D 73 -12.35 -26.37 -0.68
N ASP D 74 -11.96 -27.64 -0.48
CA ASP D 74 -12.94 -28.72 -0.52
C ASP D 74 -13.91 -28.63 0.66
N GLU D 75 -13.44 -28.22 1.83
CA GLU D 75 -14.36 -28.01 2.94
C GLU D 75 -15.34 -26.89 2.62
N PHE D 76 -14.84 -25.79 2.06
CA PHE D 76 -15.67 -24.61 1.83
C PHE D 76 -16.71 -24.84 0.73
N LEU D 77 -16.31 -25.49 -0.35
CA LEU D 77 -17.29 -25.77 -1.40
C LEU D 77 -18.34 -26.78 -0.93
N ALA D 78 -17.99 -27.67 0.00
CA ALA D 78 -18.93 -28.69 0.45
C ALA D 78 -19.89 -28.18 1.52
N THR D 79 -19.45 -27.23 2.34
CA THR D 79 -20.20 -26.78 3.50
C THR D 79 -20.57 -25.30 3.50
N GLY D 80 -19.97 -24.48 2.64
CA GLY D 80 -20.18 -23.04 2.73
C GLY D 80 -19.46 -22.34 3.87
N LYS D 81 -18.50 -23.01 4.54
CA LYS D 81 -17.78 -22.42 5.66
C LYS D 81 -16.48 -23.17 5.86
N LEU D 82 -15.62 -22.65 6.74
CA LEU D 82 -14.37 -23.32 7.12
C LEU D 82 -14.26 -23.38 8.64
N ARG D 83 -14.06 -24.60 9.18
CA ARG D 83 -14.03 -24.77 10.63
C ARG D 83 -12.86 -24.03 11.29
N LYS D 84 -11.66 -24.08 10.69
CA LYS D 84 -10.52 -23.39 11.30
C LYS D 84 -10.80 -21.89 11.43
N LEU D 85 -11.50 -21.29 10.46
CA LEU D 85 -11.83 -19.86 10.57
C LEU D 85 -12.95 -19.60 11.58
N GLU D 86 -13.75 -20.62 11.91
CA GLU D 86 -14.78 -20.49 12.94
C GLU D 86 -14.17 -20.45 14.33
N LYS D 87 -13.13 -21.24 14.58
CA LYS D 87 -12.45 -21.17 15.88
C LYS D 87 -11.71 -19.85 16.03
N ILE D 88 -10.97 -19.44 14.98
CA ILE D 88 -10.24 -18.17 15.01
C ILE D 88 -11.19 -17.02 15.35
N ARG D 89 -12.33 -16.96 14.64
CA ARG D 89 -13.30 -15.89 14.83
C ARG D 89 -13.90 -15.89 16.23
N GLN D 90 -13.90 -17.03 16.91
CA GLN D 90 -14.47 -17.17 18.28
C GLN D 90 -13.41 -16.98 19.37
N ASP D 91 -12.16 -16.77 19.00
CA ASP D 91 -11.09 -16.59 19.98
C ASP D 91 -10.99 -15.10 20.25
N ASP D 92 -11.38 -14.67 21.44
CA ASP D 92 -11.33 -13.24 21.82
C ASP D 92 -9.91 -12.67 21.64
N THR D 93 -8.93 -13.32 22.21
CA THR D 93 -7.58 -12.76 22.16
C THR D 93 -7.10 -12.63 20.70
N SER D 94 -7.39 -13.63 19.87
CA SER D 94 -7.00 -13.56 18.46
C SER D 94 -7.69 -12.39 17.77
N SER D 95 -8.93 -12.13 18.13
CA SER D 95 -9.71 -11.13 17.42
C SER D 95 -9.41 -9.71 17.91
N SER D 96 -8.99 -9.59 19.18
CA SER D 96 -8.55 -8.29 19.68
C SER D 96 -7.25 -7.85 19.02
N ILE D 97 -6.30 -8.78 18.90
CA ILE D 97 -5.01 -8.46 18.29
C ILE D 97 -5.21 -7.99 16.86
N ASN D 98 -6.11 -8.66 16.13
CA ASN D 98 -6.43 -8.27 14.75
C ASN D 98 -6.96 -6.84 14.69
N PHE D 99 -7.94 -6.51 15.53
CA PHE D 99 -8.53 -5.17 15.49
C PHE D 99 -7.47 -4.09 15.73
N LEU D 100 -6.60 -4.29 16.73
CA LEU D 100 -5.62 -3.26 17.09
C LEU D 100 -4.70 -2.90 15.92
N THR D 101 -4.32 -3.87 15.09
CA THR D 101 -3.41 -3.52 13.99
C THR D 101 -4.03 -2.60 12.95
N ARG D 102 -5.34 -2.34 13.01
CA ARG D 102 -5.98 -1.42 12.07
C ARG D 102 -5.71 0.05 12.35
N VAL D 103 -5.17 0.35 13.51
CA VAL D 103 -4.74 1.71 13.86
C VAL D 103 -3.42 1.99 13.17
N SER D 104 -3.26 3.17 12.58
CA SER D 104 -1.98 3.53 11.97
C SER D 104 -0.91 3.63 13.05
N GLY D 105 0.16 2.83 12.92
CA GLY D 105 1.24 2.83 13.89
C GLY D 105 1.24 1.69 14.90
N ILE D 106 0.19 0.89 14.97
CA ILE D 106 0.17 -0.34 15.77
C ILE D 106 0.27 -1.53 14.83
N GLY D 107 1.34 -2.32 14.97
CA GLY D 107 1.49 -3.56 14.23
C GLY D 107 1.30 -4.78 15.12
N PRO D 108 1.67 -5.96 14.63
CA PRO D 108 1.42 -7.18 15.41
C PRO D 108 2.16 -7.22 16.73
N SER D 109 3.40 -6.79 16.70
CA SER D 109 4.24 -6.77 17.93
C SER D 109 3.57 -5.93 19.03
N ALA D 110 3.23 -4.68 18.74
CA ALA D 110 2.64 -3.79 19.74
C ALA D 110 1.21 -4.18 20.08
N ALA D 111 0.46 -4.71 19.11
CA ALA D 111 -0.91 -5.19 19.37
C ALA D 111 -0.92 -6.35 20.35
N ARG D 112 0.00 -7.32 20.21
CA ARG D 112 0.04 -8.41 21.17
C ARG D 112 0.49 -7.93 22.55
N LYS D 113 1.42 -6.96 22.60
CA LYS D 113 1.86 -6.45 23.89
C LYS D 113 0.73 -5.71 24.61
N PHE D 114 -0.04 -4.89 23.88
CA PHE D 114 -1.21 -4.24 24.49
C PHE D 114 -2.19 -5.29 25.00
N VAL D 115 -2.53 -6.27 24.16
CA VAL D 115 -3.52 -7.27 24.54
C VAL D 115 -3.02 -8.14 25.69
N ASP D 116 -1.70 -8.41 25.75
CA ASP D 116 -1.15 -9.10 26.93
C ASP D 116 -1.30 -8.24 28.17
N GLU D 117 -1.34 -6.91 28.00
CA GLU D 117 -1.54 -5.94 29.07
C GLU D 117 -3.00 -5.61 29.30
N GLY D 118 -3.92 -6.29 28.61
CA GLY D 118 -5.34 -6.07 28.82
C GLY D 118 -5.93 -4.87 28.12
N ILE D 119 -5.26 -4.31 27.10
CA ILE D 119 -5.78 -3.20 26.31
C ILE D 119 -6.37 -3.78 25.04
N LYS D 120 -7.72 -3.78 24.92
CA LYS D 120 -8.38 -4.58 23.89
C LYS D 120 -9.55 -3.91 23.16
N THR D 121 -9.81 -2.61 23.36
CA THR D 121 -10.87 -1.92 22.63
C THR D 121 -10.42 -0.51 22.28
N LEU D 122 -11.19 0.15 21.41
CA LEU D 122 -10.93 1.55 21.08
C LEU D 122 -11.06 2.45 22.31
N GLU D 123 -11.90 2.08 23.26
CA GLU D 123 -11.97 2.87 24.49
C GLU D 123 -10.72 2.68 25.33
N ASP D 124 -10.22 1.45 25.40
CA ASP D 124 -8.98 1.17 26.12
C ASP D 124 -7.83 2.01 25.59
N LEU D 125 -7.77 2.21 24.26
CA LEU D 125 -6.71 3.01 23.66
C LEU D 125 -6.80 4.48 24.07
N ARG D 126 -8.01 5.06 23.96
CA ARG D 126 -8.17 6.46 24.33
CA ARG D 126 -8.15 6.47 24.32
C ARG D 126 -7.84 6.71 25.80
N LYS D 127 -8.13 5.73 26.66
CA LYS D 127 -7.82 5.86 28.08
C LYS D 127 -6.33 5.71 28.36
N ASN D 128 -5.53 5.15 27.44
CA ASN D 128 -4.12 4.86 27.68
C ASN D 128 -3.22 5.58 26.67
N GLU D 129 -3.62 6.80 26.30
CA GLU D 129 -2.89 7.60 25.33
C GLU D 129 -1.43 7.83 25.71
N ASP D 130 -1.08 7.69 27.00
CA ASP D 130 0.30 7.85 27.43
C ASP D 130 1.17 6.65 27.11
N LYS D 131 0.60 5.56 26.59
CA LYS D 131 1.40 4.44 26.14
C LYS D 131 1.67 4.45 24.63
N LEU D 132 1.27 5.52 23.93
CA LEU D 132 1.37 5.62 22.48
C LEU D 132 2.35 6.71 22.07
N ASN D 133 3.08 6.47 20.97
CA ASN D 133 3.95 7.47 20.39
C ASN D 133 3.16 8.43 19.49
N HIS D 134 3.85 9.47 19.00
CA HIS D 134 3.18 10.49 18.19
C HIS D 134 2.42 9.88 17.02
N HIS D 135 3.03 8.91 16.33
CA HIS D 135 2.37 8.31 15.17
C HIS D 135 1.05 7.63 15.57
N GLN D 136 1.11 6.80 16.61
CA GLN D 136 -0.06 6.01 17.01
C GLN D 136 -1.19 6.91 17.49
N ARG D 137 -0.83 7.98 18.20
CA ARG D 137 -1.83 8.93 18.64
C ARG D 137 -2.55 9.58 17.46
N ILE D 138 -1.81 9.97 16.41
CA ILE D 138 -2.48 10.55 15.25
C ILE D 138 -3.35 9.51 14.56
N GLY D 139 -2.87 8.26 14.44
CA GLY D 139 -3.68 7.22 13.82
C GLY D 139 -4.95 6.95 14.60
N LEU D 140 -4.90 7.11 15.93
CA LEU D 140 -6.10 6.96 16.72
C LEU D 140 -7.04 8.15 16.54
N LYS D 141 -6.48 9.35 16.42
CA LYS D 141 -7.30 10.55 16.29
C LYS D 141 -8.21 10.48 15.07
N TYR D 142 -7.67 10.08 13.93
CA TYR D 142 -8.45 10.05 12.71
C TYR D 142 -8.91 8.64 12.37
N PHE D 143 -9.00 7.74 13.36
CA PHE D 143 -9.22 6.32 13.05
C PHE D 143 -10.43 6.09 12.16
N GLY D 144 -11.59 6.61 12.56
CA GLY D 144 -12.78 6.49 11.72
C GLY D 144 -12.62 7.11 10.34
N ASP D 145 -11.96 8.27 10.26
CA ASP D 145 -11.77 8.93 8.96
C ASP D 145 -10.94 8.08 8.01
N PHE D 146 -9.89 7.42 8.54
CA PHE D 146 -8.95 6.64 7.73
C PHE D 146 -9.51 5.28 7.35
N GLU D 147 -10.61 4.84 7.96
CA GLU D 147 -11.32 3.66 7.49
C GLU D 147 -12.18 3.93 6.25
N LYS D 148 -12.26 5.18 5.78
CA LYS D 148 -13.17 5.58 4.70
C LYS D 148 -12.45 5.74 3.37
N ARG D 149 -13.16 5.39 2.30
CA ARG D 149 -12.68 5.55 0.93
C ARG D 149 -12.80 7.00 0.47
N ILE D 150 -12.10 7.32 -0.62
CA ILE D 150 -12.08 8.66 -1.18
C ILE D 150 -12.70 8.62 -2.57
N PRO D 151 -13.82 9.30 -2.81
CA PRO D 151 -14.40 9.28 -4.16
C PRO D 151 -13.46 9.96 -5.15
N ARG D 152 -13.43 9.42 -6.36
CA ARG D 152 -12.62 10.00 -7.43
C ARG D 152 -12.92 11.49 -7.64
N GLU D 153 -14.14 11.93 -7.39
CA GLU D 153 -14.42 13.37 -7.54
C GLU D 153 -13.64 14.21 -6.53
N GLU D 154 -13.39 13.69 -5.33
CA GLU D 154 -12.59 14.47 -4.38
C GLU D 154 -11.10 14.40 -4.72
N MET D 155 -10.59 13.21 -5.09
CA MET D 155 -9.20 13.11 -5.53
C MET D 155 -8.89 14.16 -6.60
N LEU D 156 -9.87 14.46 -7.46
CA LEU D 156 -9.73 15.46 -8.52
C LEU D 156 -9.47 16.85 -7.95
N GLN D 157 -10.25 17.26 -6.94
N GLN D 157 -10.23 17.25 -6.92
CA GLN D 157 -10.03 18.55 -6.31
CA GLN D 157 -10.01 18.56 -6.33
C GLN D 157 -8.69 18.58 -5.59
C GLN D 157 -8.70 18.60 -5.55
N MET D 158 -8.34 17.50 -4.88
CA MET D 158 -7.08 17.47 -4.15
C MET D 158 -5.89 17.61 -5.09
N GLN D 159 -5.95 16.92 -6.23
CA GLN D 159 -4.88 17.02 -7.23
C GLN D 159 -4.73 18.47 -7.75
N ASP D 160 -5.85 19.15 -8.01
CA ASP D 160 -5.78 20.55 -8.43
C ASP D 160 -5.09 21.43 -7.40
N ILE D 161 -5.31 21.17 -6.10
CA ILE D 161 -4.69 21.99 -5.08
C ILE D 161 -3.20 21.72 -5.01
N VAL D 162 -2.80 20.46 -5.09
CA VAL D 162 -1.38 20.13 -4.96
C VAL D 162 -0.60 20.65 -6.17
N LEU D 163 -1.12 20.42 -7.37
CA LEU D 163 -0.41 20.89 -8.56
C LEU D 163 -0.30 22.41 -8.60
N ASN D 164 -1.34 23.13 -8.16
CA ASN D 164 -1.29 24.59 -8.22
C ASN D 164 -0.28 25.17 -7.24
N GLU D 165 -0.17 24.59 -6.03
CA GLU D 165 0.74 25.16 -5.04
C GLU D 165 2.19 24.78 -5.33
N VAL D 166 2.41 23.58 -5.84
CA VAL D 166 3.77 23.21 -6.23
C VAL D 166 4.29 24.20 -7.28
N LYS D 167 3.43 24.57 -8.23
CA LYS D 167 3.79 25.53 -9.27
C LYS D 167 4.18 26.89 -8.70
N LYS D 168 3.61 27.30 -7.55
CA LYS D 168 3.98 28.58 -6.94
C LYS D 168 5.36 28.55 -6.31
N VAL D 169 5.80 27.41 -5.76
CA VAL D 169 7.12 27.32 -5.15
C VAL D 169 8.19 27.48 -6.23
N ASP D 170 8.16 26.59 -7.21
CA ASP D 170 9.07 26.64 -8.33
C ASP D 170 8.33 26.01 -9.50
N SER D 171 8.37 26.67 -10.66
CA SER D 171 7.63 26.15 -11.79
C SER D 171 8.29 24.95 -12.45
N GLU D 172 9.51 24.57 -12.04
CA GLU D 172 10.19 23.41 -12.61
C GLU D 172 9.94 22.11 -11.84
N TYR D 173 9.20 22.14 -10.73
CA TYR D 173 8.74 20.90 -10.12
C TYR D 173 7.72 20.21 -11.01
N ILE D 174 7.61 18.89 -10.88
CA ILE D 174 6.60 18.10 -11.58
C ILE D 174 6.00 17.13 -10.56
N ALA D 175 4.69 17.16 -10.40
CA ALA D 175 4.00 16.32 -9.43
C ALA D 175 2.98 15.44 -10.14
N THR D 176 2.92 14.18 -9.75
CA THR D 176 2.07 13.17 -10.40
C THR D 176 1.35 12.35 -9.34
N VAL D 177 0.02 12.31 -9.41
CA VAL D 177 -0.75 11.46 -8.49
C VAL D 177 -0.72 10.01 -8.99
N CYS D 178 -0.36 9.08 -8.10
CA CYS D 178 -0.19 7.68 -8.46
C CYS D 178 -1.14 6.77 -7.69
N GLY D 179 -0.65 5.61 -7.23
CA GLY D 179 -1.46 4.68 -6.46
C GLY D 179 -2.69 4.22 -7.23
N SER D 180 -3.73 3.85 -6.48
CA SER D 180 -4.96 3.36 -7.11
C SER D 180 -5.66 4.44 -7.96
N PHE D 181 -5.48 5.73 -7.61
CA PHE D 181 -6.06 6.78 -8.43
C PHE D 181 -5.58 6.66 -9.87
N ARG D 182 -4.26 6.58 -10.06
CA ARG D 182 -3.71 6.47 -11.40
C ARG D 182 -4.24 5.24 -12.12
N ARG D 183 -4.51 4.16 -11.38
CA ARG D 183 -5.04 2.92 -11.97
C ARG D 183 -6.51 3.02 -12.32
N GLY D 184 -7.12 4.20 -12.14
CA GLY D 184 -8.48 4.47 -12.57
C GLY D 184 -9.59 4.16 -11.58
N ALA D 185 -9.26 3.84 -10.33
CA ALA D 185 -10.29 3.43 -9.37
C ALA D 185 -11.32 4.53 -9.19
N GLU D 186 -12.57 4.11 -8.97
CA GLU D 186 -13.65 5.03 -8.64
C GLU D 186 -13.49 5.59 -7.21
N SER D 187 -12.88 4.82 -6.31
CA SER D 187 -12.52 5.27 -4.97
C SER D 187 -11.12 4.79 -4.62
N SER D 188 -10.43 5.53 -3.75
CA SER D 188 -9.08 5.17 -3.31
C SER D 188 -9.00 5.15 -1.79
N GLY D 189 -8.02 4.41 -1.28
CA GLY D 189 -7.69 4.43 0.15
C GLY D 189 -6.96 5.68 0.60
N ASP D 190 -6.01 6.18 -0.18
CA ASP D 190 -5.34 7.45 0.13
C ASP D 190 -4.71 8.02 -1.14
N MET D 191 -4.07 9.18 -0.99
CA MET D 191 -3.45 9.92 -2.09
C MET D 191 -1.93 9.81 -2.07
N ASP D 192 -1.35 9.45 -3.20
CA ASP D 192 0.10 9.22 -3.33
C ASP D 192 0.65 10.15 -4.41
N VAL D 193 1.70 10.91 -4.08
CA VAL D 193 2.21 11.94 -4.97
C VAL D 193 3.69 11.70 -5.23
N LEU D 194 4.05 11.53 -6.49
CA LEU D 194 5.45 11.37 -6.89
C LEU D 194 5.94 12.75 -7.30
N LEU D 195 7.11 13.16 -6.84
CA LEU D 195 7.62 14.53 -7.09
C LEU D 195 9.07 14.52 -7.61
N THR D 196 9.40 15.40 -8.58
CA THR D 196 10.75 15.55 -9.13
C THR D 196 11.06 17.02 -9.36
N HIS D 197 12.35 17.32 -9.48
CA HIS D 197 12.93 18.66 -9.71
C HIS D 197 14.33 18.53 -10.34
N PRO D 198 14.63 19.25 -11.45
CA PRO D 198 15.94 19.15 -12.12
C PRO D 198 17.16 19.18 -11.19
N SER D 199 17.02 19.75 -9.99
CA SER D 199 18.15 19.85 -9.05
C SER D 199 18.46 18.54 -8.28
N PHE D 200 17.50 17.62 -8.12
CA PHE D 200 17.77 16.33 -7.47
C PHE D 200 17.83 15.25 -8.55
N THR D 201 19.04 14.81 -8.86
CA THR D 201 19.26 13.65 -9.73
C THR D 201 20.12 12.63 -9.00
N SER D 202 20.26 11.45 -9.59
CA SER D 202 21.14 10.43 -9.01
C SER D 202 22.58 10.92 -8.91
N GLU D 203 23.00 11.79 -9.82
CA GLU D 203 24.38 12.23 -9.91
C GLU D 203 24.75 13.33 -8.91
N SER D 204 23.75 14.16 -8.58
CA SER D 204 24.02 15.41 -7.83
C SER D 204 22.79 15.99 -7.14
N THR D 205 22.99 16.56 -5.97
CA THR D 205 21.92 17.31 -5.27
C THR D 205 22.35 18.78 -5.29
N LYS D 206 21.84 19.56 -6.25
CA LYS D 206 22.31 20.97 -6.45
C LYS D 206 21.62 21.99 -5.52
N GLN D 207 20.52 21.63 -4.83
CA GLN D 207 19.72 22.59 -3.98
C GLN D 207 19.28 21.99 -2.61
N PRO D 208 19.22 22.71 -1.45
CA PRO D 208 18.75 22.02 -0.25
C PRO D 208 17.23 22.06 0.02
N LYS D 209 16.70 21.10 0.80
CA LYS D 209 15.33 21.21 1.28
C LYS D 209 14.31 21.22 0.14
N LEU D 210 14.60 20.49 -0.93
CA LEU D 210 13.66 20.42 -2.06
C LEU D 210 12.32 19.82 -1.63
N LEU D 211 12.35 18.75 -0.81
CA LEU D 211 11.08 18.21 -0.34
C LEU D 211 10.48 19.09 0.74
N HIS D 212 11.32 19.59 1.65
CA HIS D 212 10.86 20.44 2.74
C HIS D 212 10.14 21.68 2.22
N GLN D 213 10.73 22.37 1.23
CA GLN D 213 10.11 23.56 0.63
C GLN D 213 8.66 23.31 0.18
N VAL D 214 8.34 22.09 -0.28
CA VAL D 214 7.00 21.83 -0.83
C VAL D 214 6.02 21.51 0.28
N VAL D 215 6.41 20.63 1.22
CA VAL D 215 5.62 20.39 2.43
C VAL D 215 5.25 21.72 3.09
N GLU D 216 6.22 22.65 3.16
CA GLU D 216 6.01 23.93 3.84
C GLU D 216 4.91 24.74 3.16
N GLN D 217 4.95 24.86 1.82
CA GLN D 217 3.94 25.67 1.14
C GLN D 217 2.55 25.06 1.30
N LEU D 218 2.45 23.72 1.24
CA LEU D 218 1.14 23.09 1.41
C LEU D 218 0.64 23.19 2.85
N GLN D 219 1.56 23.31 3.82
CA GLN D 219 1.15 23.57 5.21
C GLN D 219 0.65 24.99 5.40
N LYS D 220 1.23 25.95 4.68
CA LYS D 220 0.89 27.36 4.88
C LYS D 220 -0.44 27.76 4.24
N VAL D 221 -0.91 27.03 3.22
CA VAL D 221 -2.26 27.23 2.72
C VAL D 221 -3.19 26.26 3.43
N HIS D 222 -2.69 25.58 4.46
CA HIS D 222 -3.49 24.69 5.30
C HIS D 222 -4.07 23.51 4.52
N PHE D 223 -3.29 22.91 3.62
CA PHE D 223 -3.73 21.65 3.01
C PHE D 223 -3.23 20.44 3.81
N ILE D 224 -1.93 20.36 4.07
CA ILE D 224 -1.38 19.33 4.94
C ILE D 224 -1.65 19.73 6.38
N THR D 225 -2.10 18.77 7.20
CA THR D 225 -2.45 19.06 8.60
C THR D 225 -1.56 18.40 9.64
N ASP D 226 -0.93 17.26 9.36
CA ASP D 226 -0.11 16.55 10.36
C ASP D 226 1.00 15.76 9.66
N THR D 227 2.08 15.51 10.40
CA THR D 227 3.23 14.74 9.91
C THR D 227 3.37 13.44 10.71
N LEU D 228 3.28 12.29 10.03
CA LEU D 228 3.56 11.01 10.69
C LEU D 228 5.06 10.70 10.71
N SER D 229 5.76 10.98 9.61
CA SER D 229 7.20 10.77 9.53
C SER D 229 7.72 11.54 8.33
N LYS D 230 8.99 11.93 8.36
CA LYS D 230 9.52 12.82 7.34
C LYS D 230 11.04 12.71 7.28
N GLY D 231 11.57 12.46 6.09
CA GLY D 231 13.00 12.55 5.87
C GLY D 231 13.29 13.38 4.64
N GLU D 232 14.47 13.16 4.04
N GLU D 232 14.46 13.16 4.03
CA GLU D 232 14.86 13.94 2.87
CA GLU D 232 14.88 13.94 2.86
C GLU D 232 14.04 13.55 1.64
C GLU D 232 14.19 13.49 1.57
N THR D 233 13.60 12.29 1.54
CA THR D 233 12.89 11.83 0.34
C THR D 233 11.47 11.28 0.55
N LYS D 234 11.03 10.99 1.77
CA LYS D 234 9.70 10.41 2.00
C LYS D 234 8.94 11.15 3.11
N PHE D 235 7.72 11.59 2.79
CA PHE D 235 6.84 12.27 3.72
C PHE D 235 5.56 11.44 3.87
N MET D 236 5.18 11.19 5.12
CA MET D 236 3.99 10.41 5.46
C MET D 236 3.16 11.27 6.41
N GLY D 237 1.98 11.69 5.98
CA GLY D 237 1.16 12.58 6.80
C GLY D 237 -0.32 12.64 6.43
N VAL D 238 -0.96 13.78 6.74
CA VAL D 238 -2.41 13.95 6.73
C VAL D 238 -2.81 15.24 6.02
N CYS D 239 -3.96 15.24 5.34
CA CYS D 239 -4.42 16.42 4.63
C CYS D 239 -5.96 16.45 4.57
N GLN D 240 -6.49 17.57 4.05
CA GLN D 240 -7.92 17.85 4.11
C GLN D 240 -8.33 18.94 3.11
N LEU D 241 -9.47 18.70 2.36
CA LEU D 241 -10.03 19.70 1.44
C LEU D 241 -10.77 20.81 2.19
N PRO D 242 -10.77 22.04 1.67
CA PRO D 242 -11.57 23.11 2.29
C PRO D 242 -13.07 22.92 2.14
N SER D 243 -13.81 23.19 3.21
CA SER D 243 -15.26 23.06 3.24
C SER D 243 -15.91 24.43 3.09
N LYS D 244 -17.19 24.41 2.74
CA LYS D 244 -18.01 25.61 2.57
C LYS D 244 -18.78 25.93 3.85
N ASN D 245 -19.26 27.17 3.94
CA ASN D 245 -19.90 27.64 5.17
C ASN D 245 -21.09 26.77 5.54
N ASP D 246 -21.08 26.28 6.78
CA ASP D 246 -22.17 25.46 7.33
C ASP D 246 -22.42 24.22 6.48
N GLU D 247 -21.34 23.60 6.00
CA GLU D 247 -21.38 22.24 5.47
C GLU D 247 -20.47 21.38 6.33
N LYS D 248 -20.79 20.09 6.42
CA LYS D 248 -19.93 19.17 7.15
C LYS D 248 -18.52 19.22 6.56
N GLU D 249 -17.50 19.26 7.43
CA GLU D 249 -16.12 19.21 6.96
C GLU D 249 -15.87 17.94 6.17
N TYR D 250 -14.84 17.96 5.33
CA TYR D 250 -14.42 16.74 4.66
C TYR D 250 -13.63 15.84 5.61
N PRO D 251 -13.72 14.51 5.47
CA PRO D 251 -12.86 13.64 6.29
C PRO D 251 -11.39 13.97 6.03
N HIS D 252 -10.57 13.85 7.07
CA HIS D 252 -9.12 13.91 6.90
C HIS D 252 -8.63 12.65 6.19
N ARG D 253 -7.52 12.77 5.48
CA ARG D 253 -7.06 11.70 4.61
C ARG D 253 -5.55 11.52 4.72
N ARG D 254 -5.10 10.27 4.59
CA ARG D 254 -3.66 10.00 4.54
C ARG D 254 -3.07 10.47 3.22
N ILE D 255 -1.88 11.06 3.27
N ILE D 255 -1.86 11.02 3.28
CA ILE D 255 -1.13 11.43 2.06
CA ILE D 255 -1.12 11.38 2.09
C ILE D 255 0.32 10.97 2.22
C ILE D 255 0.32 10.91 2.23
N ASP D 256 0.92 10.52 1.12
CA ASP D 256 2.31 10.11 1.05
C ASP D 256 2.92 10.91 -0.07
N ILE D 257 4.08 11.53 0.15
CA ILE D 257 4.82 12.18 -0.92
C ILE D 257 6.23 11.61 -0.96
N ARG D 258 6.66 11.19 -2.14
CA ARG D 258 7.95 10.57 -2.33
C ARG D 258 8.73 11.35 -3.39
N LEU D 259 9.85 11.92 -2.98
CA LEU D 259 10.75 12.66 -3.88
C LEU D 259 11.73 11.67 -4.51
N ILE D 260 11.70 11.55 -5.82
CA ILE D 260 12.54 10.58 -6.57
C ILE D 260 13.53 11.34 -7.46
N PRO D 261 14.76 10.86 -7.67
CA PRO D 261 15.69 11.53 -8.56
C PRO D 261 15.05 11.66 -9.95
N LYS D 262 15.12 12.86 -10.52
CA LYS D 262 14.52 13.21 -11.83
C LYS D 262 14.86 12.15 -12.90
N ASP D 263 16.10 11.63 -12.91
CA ASP D 263 16.46 10.68 -13.94
C ASP D 263 15.94 9.27 -13.68
N GLN D 264 15.32 8.97 -12.53
CA GLN D 264 14.80 7.61 -12.23
C GLN D 264 13.27 7.66 -12.09
N TYR D 265 12.63 8.58 -12.79
CA TYR D 265 11.20 8.81 -12.64
C TYR D 265 10.36 7.59 -13.04
N TYR D 266 10.83 6.77 -13.97
CA TYR D 266 9.95 5.73 -14.49
C TYR D 266 9.91 4.49 -13.57
N CYS D 267 11.07 4.06 -13.06
CA CYS D 267 11.06 3.05 -12.00
C CYS D 267 10.26 3.55 -10.80
N GLY D 268 10.38 4.85 -10.48
CA GLY D 268 9.67 5.41 -9.35
C GLY D 268 8.18 5.39 -9.55
N VAL D 269 7.72 5.79 -10.74
CA VAL D 269 6.27 5.83 -10.98
C VAL D 269 5.71 4.43 -11.14
N LEU D 270 6.51 3.46 -11.57
CA LEU D 270 6.06 2.07 -11.59
C LEU D 270 5.84 1.52 -10.18
N TYR D 271 6.82 1.70 -9.30
CA TYR D 271 6.64 1.28 -7.92
C TYR D 271 5.40 1.94 -7.32
N PHE D 272 5.29 3.28 -7.46
CA PHE D 272 4.23 4.08 -6.78
C PHE D 272 2.84 3.87 -7.36
N THR D 273 2.73 3.22 -8.50
CA THR D 273 1.41 2.95 -9.09
C THR D 273 0.86 1.58 -8.66
N GLY D 274 1.72 0.60 -8.36
CA GLY D 274 1.21 -0.64 -7.75
C GLY D 274 0.37 -1.47 -8.73
N SER D 275 -0.47 -2.35 -8.18
CA SER D 275 -0.67 -2.55 -6.73
C SER D 275 0.46 -3.28 -6.00
N ASP D 276 0.28 -3.46 -4.69
CA ASP D 276 1.31 -4.11 -3.84
C ASP D 276 1.57 -5.54 -4.32
N ILE D 277 0.54 -6.33 -4.53
CA ILE D 277 0.76 -7.70 -4.94
C ILE D 277 1.21 -7.75 -6.40
N PHE D 278 0.80 -6.79 -7.23
CA PHE D 278 1.36 -6.70 -8.57
C PHE D 278 2.86 -6.42 -8.52
N ASN D 279 3.28 -5.48 -7.65
CA ASN D 279 4.70 -5.20 -7.52
C ASN D 279 5.47 -6.45 -7.09
N LYS D 280 4.96 -7.11 -6.04
CA LYS D 280 5.58 -8.32 -5.47
C LYS D 280 5.73 -9.39 -6.57
N ASN D 281 4.65 -9.64 -7.31
CA ASN D 281 4.71 -10.64 -8.37
C ASN D 281 5.64 -10.21 -9.50
N MET D 282 5.67 -8.90 -9.81
CA MET D 282 6.57 -8.43 -10.87
C MET D 282 8.03 -8.59 -10.46
N ARG D 283 8.37 -8.31 -9.20
CA ARG D 283 9.77 -8.45 -8.80
C ARG D 283 10.17 -9.91 -8.64
N ALA D 284 9.23 -10.78 -8.24
CA ALA D 284 9.51 -12.21 -8.18
C ALA D 284 9.85 -12.76 -9.56
N HIS D 285 9.01 -12.45 -10.56
CA HIS D 285 9.28 -12.82 -11.95
C HIS D 285 10.61 -12.27 -12.43
N ALA D 286 10.91 -11.00 -12.07
CA ALA D 286 12.21 -10.44 -12.39
C ALA D 286 13.33 -11.35 -11.92
N LEU D 287 13.22 -11.87 -10.69
CA LEU D 287 14.27 -12.70 -10.14
C LEU D 287 14.48 -13.94 -11.01
N GLU D 288 13.39 -14.63 -11.36
CA GLU D 288 13.55 -15.83 -12.18
C GLU D 288 13.99 -15.51 -13.60
N LYS D 289 13.97 -14.25 -13.99
CA LYS D 289 14.54 -13.80 -15.25
C LYS D 289 15.96 -13.23 -15.12
N GLY D 290 16.48 -13.11 -13.90
CA GLY D 290 17.83 -12.64 -13.68
C GLY D 290 18.02 -11.16 -13.38
N PHE D 291 16.97 -10.43 -13.03
CA PHE D 291 17.07 -9.00 -12.71
C PHE D 291 16.61 -8.76 -11.28
N THR D 292 16.79 -7.51 -10.82
CA THR D 292 16.18 -7.07 -9.58
C THR D 292 15.70 -5.62 -9.73
N ILE D 293 14.49 -5.38 -9.25
CA ILE D 293 13.73 -4.16 -9.49
C ILE D 293 13.46 -3.51 -8.14
N ASN D 294 13.86 -2.24 -8.00
CA ASN D 294 13.36 -1.42 -6.89
C ASN D 294 12.84 -0.11 -7.45
N GLU D 295 12.55 0.86 -6.59
CA GLU D 295 11.90 2.07 -7.07
C GLU D 295 12.86 3.00 -7.80
N TYR D 296 14.17 2.71 -7.78
CA TYR D 296 15.18 3.53 -8.46
C TYR D 296 15.63 2.95 -9.79
N THR D 297 15.92 1.65 -9.83
CA THR D 297 16.68 1.06 -10.91
C THR D 297 16.15 -0.33 -11.20
N ILE D 298 16.55 -0.88 -12.34
CA ILE D 298 16.49 -2.32 -12.59
C ILE D 298 17.91 -2.77 -12.93
N ARG D 299 18.38 -3.81 -12.25
CA ARG D 299 19.74 -4.30 -12.45
C ARG D 299 19.76 -5.79 -12.70
N PRO D 300 20.78 -6.30 -13.38
CA PRO D 300 20.98 -7.75 -13.48
C PRO D 300 21.84 -8.27 -12.34
N LEU D 301 21.67 -9.57 -12.05
CA LEU D 301 22.37 -10.23 -10.96
C LEU D 301 23.52 -11.12 -11.46
N GLY D 302 24.57 -11.23 -10.64
CA GLY D 302 25.74 -12.03 -10.96
C GLY D 302 25.75 -13.40 -10.29
N VAL D 303 26.76 -14.20 -10.66
CA VAL D 303 26.89 -15.55 -10.13
C VAL D 303 27.09 -15.54 -8.63
N THR D 304 27.72 -14.49 -8.10
CA THR D 304 27.78 -14.29 -6.66
C THR D 304 26.40 -14.05 -6.09
N GLY D 305 25.53 -13.37 -6.83
CA GLY D 305 24.23 -12.91 -6.35
C GLY D 305 24.10 -11.41 -6.27
N VAL D 306 25.20 -10.67 -6.51
CA VAL D 306 25.22 -9.22 -6.40
C VAL D 306 24.54 -8.58 -7.60
N ALA D 307 24.13 -7.32 -7.43
CA ALA D 307 23.54 -6.55 -8.51
C ALA D 307 24.61 -5.75 -9.26
N GLY D 308 24.50 -5.73 -10.58
CA GLY D 308 25.39 -4.95 -11.42
C GLY D 308 24.90 -3.51 -11.57
N GLU D 309 25.36 -2.84 -12.67
CA GLU D 309 25.08 -1.43 -12.92
C GLU D 309 23.65 -1.24 -13.46
N PRO D 310 23.02 -0.12 -13.16
CA PRO D 310 21.63 0.10 -13.61
C PRO D 310 21.54 0.25 -15.12
N LEU D 311 20.44 -0.28 -15.69
CA LEU D 311 20.07 -0.32 -17.11
C LEU D 311 19.25 0.92 -17.49
N PRO D 312 19.44 1.43 -18.72
CA PRO D 312 18.73 2.64 -19.14
C PRO D 312 17.25 2.41 -19.34
N VAL D 313 16.47 3.46 -19.06
CA VAL D 313 15.01 3.38 -18.96
C VAL D 313 14.44 4.71 -19.46
N ASP D 314 13.51 4.63 -20.40
CA ASP D 314 12.90 5.81 -21.01
C ASP D 314 11.38 5.83 -20.88
N SER D 315 10.79 4.82 -20.24
CA SER D 315 9.34 4.69 -20.14
C SER D 315 9.01 3.54 -19.21
N GLU D 316 7.79 3.56 -18.67
CA GLU D 316 7.32 2.39 -17.91
C GLU D 316 7.39 1.13 -18.76
N LYS D 317 7.05 1.22 -20.05
CA LYS D 317 7.05 0.04 -20.90
C LYS D 317 8.43 -0.61 -20.98
N ASP D 318 9.50 0.19 -20.94
CA ASP D 318 10.86 -0.37 -21.03
C ASP D 318 11.11 -1.41 -19.93
N ILE D 319 10.48 -1.25 -18.76
CA ILE D 319 10.77 -2.17 -17.66
C ILE D 319 10.05 -3.50 -17.88
N PHE D 320 8.77 -3.45 -18.29
CA PHE D 320 8.05 -4.65 -18.73
C PHE D 320 8.82 -5.39 -19.82
N ASP D 321 9.51 -4.66 -20.69
CA ASP D 321 10.22 -5.27 -21.82
C ASP D 321 11.44 -6.07 -21.36
N TYR D 322 12.24 -5.52 -20.43
CA TYR D 322 13.39 -6.25 -19.89
C TYR D 322 13.01 -7.62 -19.34
N ILE D 323 11.85 -7.72 -18.68
CA ILE D 323 11.43 -8.98 -18.06
C ILE D 323 10.49 -9.77 -18.97
N GLN D 324 10.28 -9.31 -20.20
CA GLN D 324 9.44 -9.99 -21.19
C GLN D 324 7.99 -10.14 -20.70
N TRP D 325 7.36 -8.99 -20.43
CA TRP D 325 5.94 -8.89 -20.12
C TRP D 325 5.26 -7.97 -21.13
N LYS D 326 4.10 -8.41 -21.64
CA LYS D 326 3.22 -7.51 -22.38
C LYS D 326 2.92 -6.29 -21.51
N TYR D 327 2.95 -5.11 -22.11
CA TYR D 327 2.67 -3.90 -21.35
C TYR D 327 1.29 -3.98 -20.72
N ARG D 328 1.15 -3.37 -19.56
CA ARG D 328 -0.11 -3.34 -18.84
C ARG D 328 -0.38 -1.91 -18.39
N GLU D 329 -1.43 -1.30 -18.93
CA GLU D 329 -1.83 0.02 -18.47
C GLU D 329 -2.22 -0.03 -16.99
N PRO D 330 -2.12 1.10 -16.30
CA PRO D 330 -2.42 1.10 -14.86
C PRO D 330 -3.72 0.40 -14.46
N LYS D 331 -4.77 0.49 -15.26
CA LYS D 331 -6.04 -0.12 -14.85
C LYS D 331 -5.99 -1.66 -14.84
N ASP D 332 -5.04 -2.25 -15.55
CA ASP D 332 -4.86 -3.69 -15.55
C ASP D 332 -3.72 -4.15 -14.63
N ARG D 333 -3.14 -3.24 -13.84
CA ARG D 333 -2.24 -3.63 -12.77
C ARG D 333 -3.00 -3.80 -11.46
N SER D 334 -4.31 -3.69 -11.55
CA SER D 334 -5.21 -3.65 -10.37
C SER D 334 -5.42 -4.98 -9.67
N GLU D 335 -4.37 -5.80 -9.55
CA GLU D 335 -4.45 -7.04 -8.76
C GLU D 335 -4.65 -6.71 -7.30
CL CL E . 11.58 -20.04 -2.15
NA NA F . 12.88 -2.80 7.05
C1 EDO G . -10.06 -26.99 13.27
O1 EDO G . -8.70 -26.64 13.03
C2 EDO G . -10.48 -28.12 12.33
O2 EDO G . -10.61 -27.62 10.99
CA CA H . -3.21 4.88 -2.37
CA CA I . -0.48 5.39 0.35
CA CA J . -0.74 -3.49 1.05
NA NA K . -1.41 -0.58 11.72
NA NA L . -0.19 -25.97 -6.91
NA NA M . -14.72 -14.72 21.26
CL CL N . 19.68 1.34 -6.70
CL CL O . 6.57 -17.31 8.18
CL CL P . -18.38 -17.83 12.85
CL CL Q . -9.43 2.50 34.13
CL CL R . 2.21 18.58 9.60
CL CL S . 2.42 16.81 12.99
CL CL T . -16.18 4.65 2.46
CL CL U . 16.50 11.23 5.25
O1B DGI V . -2.75 0.64 -4.40
PB DGI V . -2.98 1.57 -3.24
O2B DGI V . -3.08 2.98 -3.83
O3B DGI V . -4.26 1.21 -2.53
O3A DGI V . -1.69 1.24 -2.27
PA DGI V . -0.90 2.08 -1.10
O1A DGI V . -0.98 1.23 0.16
O2A DGI V . -1.55 3.44 -0.96
O5' DGI V . 0.70 2.19 -1.52
C5' DGI V . 1.02 2.98 -2.66
C4' DGI V . 1.82 2.16 -3.64
O4' DGI V . 3.00 1.61 -2.96
C3' DGI V . 1.06 0.89 -4.02
O3' DGI V . 0.10 1.16 -5.05
C2' DGI V . 2.19 0.03 -4.52
C1' DGI V . 3.36 0.40 -3.60
N9 DGI V . 3.78 -0.73 -2.78
C8 DGI V . 2.90 -0.70 -1.75
N7 DGI V . 3.21 -1.77 -0.95
C5 DGI V . 4.23 -2.43 -1.51
C4 DGI V . 4.58 -1.78 -2.65
N3 DGI V . 5.59 -2.21 -3.44
C2 DGI V . 6.23 -3.31 -3.04
N2 DGI V . 7.23 -3.73 -3.81
N1 DGI V . 5.97 -4.03 -1.92
C6 DGI V . 4.96 -3.60 -1.16
O6 DGI V . 4.70 -4.24 -0.12
C1 EDO W . 5.47 -15.68 -0.78
O1 EDO W . 5.56 -16.22 0.49
C2 EDO W . 5.74 -16.68 -1.81
O2 EDO W . 5.33 -16.28 -3.08
C1 EDO X . -0.69 31.68 -0.93
O1 EDO X . -0.32 31.88 -2.25
C2 EDO X . 0.44 31.44 0.00
O2 EDO X . 1.68 31.58 -0.58
C1 EDO Y . 19.81 5.63 -5.75
O1 EDO Y . 19.11 6.71 -6.33
C2 EDO Y . 20.84 5.03 -6.65
O2 EDO Y . 20.30 4.13 -7.58
#